data_9AV6
#
_entry.id   9AV6
#
_cell.length_a   88.374
_cell.length_b   107.224
_cell.length_c   42.054
_cell.angle_alpha   90.00
_cell.angle_beta   90.00
_cell.angle_gamma   90.00
#
_symmetry.space_group_name_H-M   'P 21 21 2'
#
loop_
_entity.id
_entity.type
_entity.pdbx_description
1 polymer 'non-specific serine/threonine protein kinase'
2 non-polymer 'SULFATE ION'
3 water water
#
_entity_poly.entity_id   1
_entity_poly.type   'polypeptide(L)'
_entity_poly.pdbx_seq_one_letter_code
;MAHHHHHHMKKTSAQKYQESEGDELNYPLGNIDDYSVNNRIGRGKYSNVFSGHIIDSGKPIVVKVLKPVRIMKINREIAI
LNVLRNGPNISQLLDVVKDPDSKYISLILNYAENNDVKTLFGKMTTRDIALYIYGVLRALAFAHKNGIMHRDVKPGNIMW
NQTTKEVSLIDWGLAEFYTPDSEYQVRVATKYYKGPELLLSYLKYTPSLDIWCLGCTLAGLLFHKLPFFKGRDSNEQIER
MCVYLGGQAMLDYAEKYDLKLSSSLKARLSELKGTMWAGLINESNRDICTPQALDLLTKMLTIDHNLRPTAEQAMKHPFF
DEIRDSVK
;
_entity_poly.pdbx_strand_id   A
#
# COMPACT_ATOMS: atom_id res chain seq x y z
N HIS A 8 -32.40 -14.09 8.78
CA HIS A 8 -32.87 -14.30 10.18
C HIS A 8 -32.62 -13.05 11.02
N MET A 9 -33.57 -12.12 11.02
CA MET A 9 -33.32 -10.79 11.57
C MET A 9 -33.57 -10.67 13.06
N LYS A 10 -34.29 -11.61 13.67
CA LYS A 10 -34.48 -11.59 15.12
C LYS A 10 -33.20 -11.94 15.90
N LYS A 11 -32.19 -12.46 15.23
CA LYS A 11 -30.95 -12.88 15.89
C LYS A 11 -30.02 -11.69 16.13
N THR A 12 -29.37 -11.69 17.30
CA THR A 12 -28.26 -10.80 17.56
C THR A 12 -27.07 -11.19 16.69
N SER A 13 -26.12 -10.26 16.54
CA SER A 13 -24.93 -10.55 15.73
C SER A 13 -24.14 -11.72 16.33
N ALA A 14 -24.06 -11.81 17.65
CA ALA A 14 -23.27 -12.89 18.23
C ALA A 14 -23.93 -14.25 18.01
N GLN A 15 -25.27 -14.32 18.09
CA GLN A 15 -25.99 -15.56 17.77
C GLN A 15 -25.78 -15.98 16.32
N LYS A 16 -25.61 -15.00 15.40
CA LYS A 16 -25.36 -15.32 14.00
C LYS A 16 -23.95 -15.87 13.75
N TYR A 17 -22.96 -15.43 14.54
CA TYR A 17 -21.62 -15.99 14.37
C TYR A 17 -21.56 -17.43 14.89
N GLN A 18 -22.33 -17.76 15.94
CA GLN A 18 -22.30 -19.13 16.48
C GLN A 18 -22.81 -20.15 15.47
N GLU A 19 -23.80 -19.76 14.66
CA GLU A 19 -24.44 -20.68 13.71
C GLU A 19 -23.85 -20.45 12.32
N SER A 20 -23.06 -21.41 11.85
CA SER A 20 -22.37 -21.29 10.56
C SER A 20 -23.26 -21.83 9.44
N ASP A 23 -19.84 -19.26 6.45
CA ASP A 23 -19.66 -19.82 5.12
C ASP A 23 -18.28 -20.49 5.05
N GLU A 24 -17.95 -21.13 3.93
CA GLU A 24 -16.74 -21.96 3.89
C GLU A 24 -15.52 -21.14 3.51
N LEU A 25 -14.42 -21.45 4.18
CA LEU A 25 -13.13 -20.86 3.89
C LEU A 25 -12.35 -21.80 2.98
N ASN A 26 -11.67 -21.21 2.00
CA ASN A 26 -10.91 -21.95 1.00
C ASN A 26 -9.49 -22.19 1.53
N TYR A 27 -9.39 -23.02 2.54
CA TYR A 27 -8.12 -23.27 3.22
C TYR A 27 -8.28 -24.44 4.17
N PRO A 28 -7.29 -25.32 4.34
CA PRO A 28 -7.43 -26.40 5.35
C PRO A 28 -7.12 -25.83 6.72
N LEU A 29 -8.16 -25.64 7.54
CA LEU A 29 -8.03 -24.84 8.75
C LEU A 29 -7.18 -25.58 9.80
N GLY A 30 -6.29 -24.84 10.43
CA GLY A 30 -5.42 -25.39 11.47
C GLY A 30 -6.06 -25.36 12.84
N ASN A 31 -5.21 -25.50 13.87
CA ASN A 31 -5.68 -25.60 15.25
C ASN A 31 -5.31 -24.35 16.01
N ILE A 32 -6.32 -23.68 16.56
CA ILE A 32 -6.09 -22.38 17.17
C ILE A 32 -5.16 -22.52 18.39
N ASP A 33 -5.10 -23.70 18.99
CA ASP A 33 -4.17 -23.97 20.08
C ASP A 33 -2.71 -24.03 19.66
N ASP A 34 -2.38 -24.11 18.37
CA ASP A 34 -0.98 -24.06 17.95
C ASP A 34 -0.34 -22.68 18.13
N TYR A 35 -1.13 -21.63 18.38
CA TYR A 35 -0.66 -20.25 18.36
C TYR A 35 -1.07 -19.58 19.66
N SER A 36 -0.16 -18.79 20.19
CA SER A 36 -0.44 -17.93 21.33
C SER A 36 -0.52 -16.48 20.85
N VAL A 37 -1.20 -15.68 21.65
CA VAL A 37 -1.45 -14.27 21.36
C VAL A 37 -0.98 -13.45 22.54
N ASN A 38 -0.34 -12.32 22.27
CA ASN A 38 0.14 -11.46 23.33
C ASN A 38 -0.43 -10.05 23.23
N ASN A 39 0.27 -9.16 22.57
CA ASN A 39 -0.03 -7.74 22.58
C ASN A 39 -0.81 -7.37 21.34
N ARG A 40 -1.97 -6.71 21.53
CA ARG A 40 -2.63 -6.08 20.40
C ARG A 40 -1.68 -5.06 19.79
N ILE A 41 -1.57 -5.05 18.46
CA ILE A 41 -0.70 -4.09 17.78
C ILE A 41 -1.44 -3.32 16.69
N GLY A 42 -2.70 -3.68 16.42
CA GLY A 42 -3.49 -2.99 15.42
C GLY A 42 -4.98 -3.12 15.63
N ARG A 43 -5.72 -2.07 15.23
CA ARG A 43 -7.18 -2.06 15.23
C ARG A 43 -7.68 -1.60 13.87
N GLY A 44 -8.55 -2.40 13.25
CA GLY A 44 -9.03 -2.12 11.91
C GLY A 44 -10.55 -2.29 11.79
N LYS A 45 -11.03 -2.13 10.55
CA LYS A 45 -12.47 -2.08 10.32
C LYS A 45 -13.14 -3.37 10.78
N TYR A 46 -12.68 -4.51 10.27
CA TYR A 46 -13.25 -5.81 10.61
C TYR A 46 -12.23 -6.72 11.30
N SER A 47 -11.13 -6.16 11.80
CA SER A 47 -9.97 -6.94 12.25
C SER A 47 -9.30 -6.32 13.48
N ASN A 48 -8.72 -7.18 14.31
CA ASN A 48 -7.82 -6.79 15.38
C ASN A 48 -6.55 -7.61 15.18
N VAL A 49 -5.39 -6.95 15.27
CA VAL A 49 -4.11 -7.56 14.94
C VAL A 49 -3.27 -7.67 16.22
N PHE A 50 -2.67 -8.84 16.43
CA PHE A 50 -1.88 -9.15 17.62
C PHE A 50 -0.51 -9.68 17.22
N SER A 51 0.46 -9.46 18.09
CA SER A 51 1.72 -10.22 18.03
C SER A 51 1.53 -11.53 18.78
N GLY A 52 2.25 -12.56 18.37
CA GLY A 52 2.07 -13.87 18.94
C GLY A 52 3.25 -14.79 18.68
N HIS A 53 3.06 -16.08 19.03
CA HIS A 53 4.11 -17.05 18.77
C HIS A 53 3.48 -18.35 18.32
N ILE A 54 4.23 -19.08 17.52
CA ILE A 54 3.96 -20.49 17.31
C ILE A 54 4.44 -21.25 18.55
N ILE A 55 3.52 -21.98 19.20
CA ILE A 55 3.84 -22.58 20.50
C ILE A 55 5.05 -23.51 20.40
N ASP A 56 5.03 -24.42 19.43
CA ASP A 56 6.04 -25.49 19.49
C ASP A 56 7.44 -24.99 19.11
N SER A 57 7.55 -24.07 18.16
CA SER A 57 8.85 -23.55 17.73
C SER A 57 9.26 -22.26 18.42
N GLY A 58 8.33 -21.53 19.02
CA GLY A 58 8.69 -20.24 19.57
C GLY A 58 8.76 -19.14 18.54
N LYS A 59 8.42 -19.42 17.31
CA LYS A 59 8.62 -18.45 16.22
C LYS A 59 7.64 -17.28 16.30
N PRO A 60 8.11 -16.03 16.23
CA PRO A 60 7.17 -14.88 16.20
C PRO A 60 6.27 -14.86 14.99
N ILE A 61 5.01 -14.46 15.22
CA ILE A 61 3.96 -14.40 14.21
C ILE A 61 3.11 -13.17 14.48
N VAL A 62 2.31 -12.84 13.49
CA VAL A 62 1.26 -11.83 13.62
C VAL A 62 -0.05 -12.58 13.45
N VAL A 63 -1.02 -12.23 14.27
CA VAL A 63 -2.32 -12.88 14.26
C VAL A 63 -3.34 -11.81 13.89
N LYS A 64 -3.99 -11.97 12.75
CA LYS A 64 -5.03 -11.07 12.32
C LYS A 64 -6.36 -11.75 12.56
N VAL A 65 -7.15 -11.18 13.45
CA VAL A 65 -8.39 -11.78 13.95
C VAL A 65 -9.58 -11.09 13.31
N LEU A 66 -10.40 -11.86 12.61
CA LEU A 66 -11.47 -11.32 11.78
C LEU A 66 -12.82 -11.80 12.29
N LYS A 67 -13.75 -10.86 12.44
CA LYS A 67 -15.15 -11.19 12.63
C LYS A 67 -15.63 -12.00 11.43
N PRO A 68 -16.43 -13.05 11.63
CA PRO A 68 -16.76 -13.95 10.51
C PRO A 68 -17.84 -13.39 9.59
N VAL A 69 -17.55 -12.27 8.96
CA VAL A 69 -18.44 -11.66 7.99
C VAL A 69 -17.59 -11.36 6.76
N ARG A 70 -18.25 -11.04 5.67
CA ARG A 70 -17.55 -10.69 4.42
C ARG A 70 -16.66 -11.85 4.01
N ILE A 71 -17.24 -13.05 4.02
CA ILE A 71 -16.46 -14.27 3.80
C ILE A 71 -15.88 -14.28 2.40
N MET A 72 -16.64 -13.80 1.41
CA MET A 72 -16.09 -13.66 0.07
C MET A 72 -14.78 -12.89 0.06
N LYS A 73 -14.73 -11.76 0.75
CA LYS A 73 -13.51 -10.94 0.77
C LYS A 73 -12.40 -11.64 1.52
N ILE A 74 -12.74 -12.34 2.60
CA ILE A 74 -11.70 -13.08 3.29
C ILE A 74 -11.12 -14.13 2.37
N ASN A 75 -11.98 -14.80 1.61
CA ASN A 75 -11.52 -15.81 0.67
C ASN A 75 -10.70 -15.22 -0.47
N ARG A 76 -11.03 -14.01 -0.92
CA ARG A 76 -10.18 -13.31 -1.88
C ARG A 76 -8.78 -13.09 -1.34
N GLU A 77 -8.68 -12.61 -0.09
CA GLU A 77 -7.38 -12.30 0.46
C GLU A 77 -6.57 -13.57 0.69
N ILE A 78 -7.20 -14.67 1.11
CA ILE A 78 -6.48 -15.93 1.24
C ILE A 78 -5.94 -16.37 -0.12
N ALA A 79 -6.79 -16.32 -1.15
CA ALA A 79 -6.35 -16.69 -2.49
C ALA A 79 -5.15 -15.86 -2.93
N ILE A 80 -5.19 -14.56 -2.66
CA ILE A 80 -4.08 -13.67 -3.05
C ILE A 80 -2.83 -14.03 -2.27
N LEU A 81 -2.96 -14.18 -0.96
CA LEU A 81 -1.79 -14.54 -0.16
C LEU A 81 -1.20 -15.89 -0.60
N ASN A 82 -2.04 -16.85 -1.01
CA ASN A 82 -1.49 -18.12 -1.48
C ASN A 82 -0.82 -17.99 -2.84
N VAL A 83 -1.39 -17.20 -3.76
CA VAL A 83 -0.70 -16.94 -5.00
C VAL A 83 0.67 -16.30 -4.76
N LEU A 84 0.80 -15.49 -3.72
CA LEU A 84 2.01 -14.72 -3.47
C LEU A 84 2.95 -15.40 -2.50
N ARG A 85 2.70 -16.68 -2.17
CA ARG A 85 3.40 -17.29 -1.06
C ARG A 85 4.89 -17.42 -1.32
N ASN A 86 5.28 -17.59 -2.60
CA ASN A 86 6.68 -17.72 -2.97
C ASN A 86 7.28 -16.40 -3.45
N GLY A 87 6.66 -15.27 -3.14
CA GLY A 87 7.16 -14.01 -3.61
C GLY A 87 8.06 -13.36 -2.60
N PRO A 88 8.97 -12.50 -3.08
CA PRO A 88 9.89 -11.82 -2.17
C PRO A 88 9.24 -10.64 -1.47
N ASN A 89 9.61 -10.46 -0.21
CA ASN A 89 9.26 -9.26 0.54
C ASN A 89 7.77 -9.07 0.67
N ILE A 90 7.03 -10.18 0.76
CA ILE A 90 5.57 -10.18 0.89
C ILE A 90 5.17 -11.01 2.11
N SER A 91 4.23 -10.51 2.90
CA SER A 91 3.87 -11.25 4.09
C SER A 91 3.38 -12.64 3.71
N GLN A 92 3.73 -13.61 4.54
CA GLN A 92 3.52 -15.03 4.27
C GLN A 92 2.36 -15.52 5.14
N LEU A 93 1.37 -16.12 4.51
CA LEU A 93 0.25 -16.68 5.21
C LEU A 93 0.68 -18.07 5.68
N LEU A 94 0.81 -18.22 6.99
CA LEU A 94 1.29 -19.46 7.57
C LEU A 94 0.16 -20.42 7.94
N ASP A 95 -1.01 -19.91 8.30
CA ASP A 95 -2.13 -20.74 8.69
C ASP A 95 -3.37 -19.86 8.74
N VAL A 96 -4.52 -20.51 8.69
CA VAL A 96 -5.81 -19.91 8.95
C VAL A 96 -6.55 -20.82 9.95
N VAL A 97 -7.09 -20.24 11.01
CA VAL A 97 -7.76 -21.03 12.05
C VAL A 97 -9.06 -20.35 12.43
N LYS A 98 -9.99 -21.14 12.96
CA LYS A 98 -11.31 -20.64 13.36
C LYS A 98 -11.54 -20.98 14.82
N ASP A 99 -11.91 -19.98 15.61
CA ASP A 99 -12.18 -20.19 17.02
C ASP A 99 -13.44 -21.05 17.15
N PRO A 100 -13.38 -22.21 17.82
CA PRO A 100 -14.58 -23.08 17.86
C PRO A 100 -15.73 -22.49 18.66
N ASP A 101 -15.48 -21.51 19.52
CA ASP A 101 -16.48 -20.88 20.38
C ASP A 101 -17.06 -19.58 19.80
N SER A 102 -16.21 -18.65 19.40
CA SER A 102 -16.70 -17.41 18.86
C SER A 102 -16.86 -17.42 17.35
N LYS A 103 -16.26 -18.42 16.67
CA LYS A 103 -16.26 -18.59 15.21
C LYS A 103 -15.48 -17.49 14.50
N TYR A 104 -14.72 -16.65 15.23
CA TYR A 104 -13.85 -15.69 14.57
C TYR A 104 -12.72 -16.39 13.82
N ILE A 105 -12.27 -15.75 12.73
CA ILE A 105 -11.24 -16.33 11.88
C ILE A 105 -9.94 -15.62 12.15
N SER A 106 -8.86 -16.37 12.32
CA SER A 106 -7.54 -15.76 12.43
C SER A 106 -6.63 -16.15 11.29
N LEU A 107 -6.00 -15.14 10.69
CA LEU A 107 -4.90 -15.33 9.76
C LEU A 107 -3.58 -15.32 10.53
N ILE A 108 -2.76 -16.33 10.33
CA ILE A 108 -1.47 -16.41 10.97
C ILE A 108 -0.45 -15.99 9.94
N LEU A 109 0.24 -14.89 10.20
CA LEU A 109 1.21 -14.32 9.27
C LEU A 109 2.62 -14.30 9.87
N ASN A 110 3.62 -14.28 8.99
CA ASN A 110 4.96 -14.15 9.52
C ASN A 110 5.11 -12.77 10.16
N TYR A 111 6.05 -12.69 11.09
CA TYR A 111 6.36 -11.47 11.79
C TYR A 111 7.52 -10.78 11.07
N ALA A 112 7.38 -9.48 10.84
CA ALA A 112 8.43 -8.65 10.24
C ALA A 112 8.56 -7.40 11.11
N GLU A 113 9.76 -7.17 11.63
CA GLU A 113 9.97 -6.05 12.54
C GLU A 113 9.83 -4.72 11.81
N ASN A 114 9.29 -3.73 12.52
CA ASN A 114 9.00 -2.44 11.95
C ASN A 114 9.56 -1.31 12.80
N ASN A 115 10.48 -0.56 12.24
CA ASN A 115 10.90 0.72 12.77
C ASN A 115 10.18 1.78 11.94
N ASP A 116 9.28 2.53 12.57
CA ASP A 116 8.46 3.55 11.90
C ASP A 116 9.35 4.59 11.20
N VAL A 117 9.25 4.67 9.87
CA VAL A 117 10.15 5.53 9.10
C VAL A 117 9.98 7.01 9.45
N LYS A 118 8.80 7.41 9.93
CA LYS A 118 8.59 8.80 10.33
C LYS A 118 9.63 9.25 11.34
N THR A 119 10.01 8.37 12.25
CA THR A 119 10.94 8.73 13.31
C THR A 119 12.39 8.52 12.90
N LEU A 120 12.63 8.13 11.64
CA LEU A 120 13.99 7.92 11.15
C LEU A 120 14.41 9.00 10.16
N PHE A 121 13.72 10.13 10.12
CA PHE A 121 14.12 11.20 9.20
C PHE A 121 15.50 11.70 9.59
N GLY A 122 16.40 11.77 8.61
CA GLY A 122 17.77 12.14 8.85
C GLY A 122 18.65 11.01 9.28
N LYS A 123 18.07 9.91 9.73
CA LYS A 123 18.80 8.69 10.08
C LYS A 123 18.89 7.69 8.93
N MET A 124 17.94 7.71 8.01
CA MET A 124 17.98 6.80 6.87
C MET A 124 18.81 7.45 5.77
N THR A 125 19.77 6.71 5.21
CA THR A 125 20.68 7.22 4.20
C THR A 125 20.13 6.99 2.79
N THR A 126 20.85 7.48 1.77
CA THR A 126 20.46 7.16 0.40
C THR A 126 20.36 5.65 0.21
N ARG A 127 21.30 4.89 0.79
CA ARG A 127 21.27 3.44 0.63
C ARG A 127 20.05 2.83 1.30
N ASP A 128 19.73 3.25 2.53
CA ASP A 128 18.53 2.79 3.21
C ASP A 128 17.29 3.03 2.36
N ILE A 129 17.18 4.23 1.79
CA ILE A 129 15.97 4.57 1.03
C ILE A 129 15.89 3.72 -0.22
N ALA A 130 17.05 3.47 -0.86
CA ALA A 130 17.08 2.64 -2.06
C ALA A 130 16.72 1.18 -1.73
N LEU A 131 17.27 0.64 -0.65
CA LEU A 131 16.86 -0.70 -0.20
C LEU A 131 15.36 -0.76 0.06
N TYR A 132 14.85 0.15 0.89
CA TYR A 132 13.43 0.21 1.22
C TYR A 132 12.56 0.21 -0.03
N ILE A 133 12.80 1.18 -0.91
CA ILE A 133 11.99 1.31 -2.12
C ILE A 133 12.18 0.10 -3.03
N TYR A 134 13.43 -0.36 -3.20
CA TYR A 134 13.67 -1.47 -4.11
C TYR A 134 13.01 -2.73 -3.59
N GLY A 135 13.10 -2.95 -2.28
CA GLY A 135 12.44 -4.10 -1.67
C GLY A 135 10.94 -4.09 -1.93
N VAL A 136 10.28 -2.93 -1.79
CA VAL A 136 8.85 -2.88 -2.08
C VAL A 136 8.60 -3.07 -3.57
N LEU A 137 9.47 -2.53 -4.43
CA LEU A 137 9.28 -2.72 -5.86
C LEU A 137 9.37 -4.21 -6.23
N ARG A 138 10.31 -4.93 -5.62
CA ARG A 138 10.43 -6.36 -5.90
C ARG A 138 9.12 -7.09 -5.57
N ALA A 139 8.50 -6.73 -4.43
CA ALA A 139 7.20 -7.29 -4.09
C ALA A 139 6.15 -6.92 -5.12
N LEU A 140 6.09 -5.63 -5.48
CA LEU A 140 5.07 -5.20 -6.43
C LEU A 140 5.28 -5.86 -7.78
N ALA A 141 6.52 -5.95 -8.25
CA ALA A 141 6.77 -6.62 -9.53
C ALA A 141 6.27 -8.08 -9.49
N PHE A 142 6.53 -8.78 -8.41
CA PHE A 142 6.04 -10.17 -8.33
C PHE A 142 4.52 -10.21 -8.28
N ALA A 143 3.89 -9.36 -7.47
CA ALA A 143 2.42 -9.33 -7.42
C ALA A 143 1.85 -8.94 -8.78
N HIS A 144 2.37 -7.88 -9.40
CA HIS A 144 1.85 -7.45 -10.70
C HIS A 144 2.01 -8.53 -11.77
N LYS A 145 3.14 -9.22 -11.79
CA LYS A 145 3.35 -10.27 -12.78
C LYS A 145 2.36 -11.40 -12.58
N ASN A 146 1.85 -11.54 -11.36
CA ASN A 146 0.88 -12.55 -10.99
C ASN A 146 -0.53 -12.02 -11.04
N GLY A 147 -0.72 -10.80 -11.56
CA GLY A 147 -2.04 -10.27 -11.80
C GLY A 147 -2.71 -9.66 -10.58
N ILE A 148 -1.94 -9.27 -9.59
CA ILE A 148 -2.48 -8.73 -8.35
C ILE A 148 -1.95 -7.32 -8.15
N MET A 149 -2.84 -6.40 -7.80
CA MET A 149 -2.48 -5.07 -7.32
C MET A 149 -2.83 -4.94 -5.86
N HIS A 150 -1.97 -4.25 -5.13
CA HIS A 150 -2.10 -4.19 -3.67
C HIS A 150 -3.14 -3.16 -3.25
N ARG A 151 -3.07 -1.96 -3.84
CA ARG A 151 -4.07 -0.90 -3.73
C ARG A 151 -4.08 -0.18 -2.39
N ASP A 152 -3.06 -0.37 -1.55
CA ASP A 152 -2.97 0.42 -0.32
C ASP A 152 -1.50 0.54 0.09
N VAL A 153 -0.62 0.78 -0.88
CA VAL A 153 0.79 0.98 -0.55
C VAL A 153 0.96 2.29 0.19
N LYS A 154 1.61 2.23 1.36
CA LYS A 154 1.88 3.41 2.20
C LYS A 154 2.79 2.96 3.33
N PRO A 155 3.47 3.90 4.01
CA PRO A 155 4.37 3.49 5.09
C PRO A 155 3.76 2.55 6.09
N GLY A 156 2.47 2.72 6.44
CA GLY A 156 1.86 1.87 7.46
C GLY A 156 1.71 0.42 7.05
N ASN A 157 1.92 0.11 5.76
CA ASN A 157 1.81 -1.24 5.24
C ASN A 157 3.16 -1.75 4.76
N ILE A 158 4.24 -1.07 5.15
CA ILE A 158 5.57 -1.45 4.75
C ILE A 158 6.37 -1.62 6.02
N MET A 159 6.80 -2.84 6.27
CA MET A 159 7.56 -3.16 7.46
C MET A 159 9.03 -2.99 7.09
N TRP A 160 9.73 -2.14 7.85
CA TRP A 160 11.13 -1.85 7.61
C TRP A 160 11.95 -2.14 8.86
N ASN A 161 13.01 -2.92 8.71
CA ASN A 161 13.97 -3.17 9.79
C ASN A 161 15.23 -2.36 9.51
N GLN A 162 15.45 -1.31 10.31
CA GLN A 162 16.56 -0.40 10.04
C GLN A 162 17.91 -1.06 10.27
N THR A 163 18.01 -1.93 11.29
CA THR A 163 19.27 -2.59 11.56
C THR A 163 19.62 -3.56 10.44
N THR A 164 18.65 -4.37 10.03
CA THR A 164 18.92 -5.47 9.11
C THR A 164 18.57 -5.16 7.66
N LYS A 165 17.79 -4.10 7.41
CA LYS A 165 17.39 -3.63 6.08
C LYS A 165 16.36 -4.54 5.42
N GLU A 166 15.75 -5.45 6.16
CA GLU A 166 14.70 -6.29 5.62
C GLU A 166 13.41 -5.51 5.50
N VAL A 167 12.67 -5.77 4.45
CA VAL A 167 11.45 -5.02 4.17
C VAL A 167 10.37 -5.99 3.69
N SER A 168 9.13 -5.67 4.08
CA SER A 168 7.98 -6.53 3.83
C SER A 168 6.79 -5.65 3.47
N LEU A 169 6.09 -6.00 2.40
CA LEU A 169 4.81 -5.39 2.06
C LEU A 169 3.69 -6.23 2.66
N ILE A 170 2.91 -5.65 3.56
CA ILE A 170 1.87 -6.38 4.28
C ILE A 170 0.50 -5.79 4.01
N ASP A 171 -0.52 -6.39 4.63
CA ASP A 171 -1.91 -5.90 4.61
C ASP A 171 -2.49 -5.91 3.18
N TRP A 172 -2.77 -7.13 2.73
CA TRP A 172 -3.32 -7.43 1.41
C TRP A 172 -4.85 -7.49 1.42
N GLY A 173 -5.51 -6.92 2.44
CA GLY A 173 -6.96 -6.98 2.50
C GLY A 173 -7.69 -6.14 1.48
N LEU A 174 -7.03 -5.17 0.85
CA LEU A 174 -7.63 -4.42 -0.25
C LEU A 174 -7.13 -4.89 -1.60
N ALA A 175 -6.27 -5.89 -1.64
CA ALA A 175 -5.67 -6.29 -2.89
C ALA A 175 -6.73 -6.91 -3.77
N GLU A 176 -6.50 -6.87 -5.08
CA GLU A 176 -7.51 -7.33 -6.04
C GLU A 176 -6.79 -7.93 -7.24
N PHE A 177 -7.43 -8.90 -7.88
CA PHE A 177 -6.87 -9.47 -9.10
C PHE A 177 -7.16 -8.49 -10.23
N TYR A 178 -6.15 -8.26 -11.07
CA TYR A 178 -6.29 -7.27 -12.15
C TYR A 178 -6.57 -7.95 -13.48
N THR A 179 -7.65 -7.51 -14.14
CA THR A 179 -8.00 -7.89 -15.51
C THR A 179 -8.13 -6.62 -16.36
N PRO A 180 -7.44 -6.52 -17.48
CA PRO A 180 -7.50 -5.26 -18.25
C PRO A 180 -8.92 -4.90 -18.67
N ASP A 181 -9.21 -3.60 -18.63
CA ASP A 181 -10.46 -3.01 -19.08
C ASP A 181 -11.61 -3.30 -18.13
N SER A 182 -11.33 -3.81 -16.94
CA SER A 182 -12.37 -3.99 -15.94
C SER A 182 -12.48 -2.75 -15.08
N GLU A 183 -13.69 -2.49 -14.62
CA GLU A 183 -13.95 -1.39 -13.71
C GLU A 183 -13.73 -1.88 -12.28
N TYR A 184 -13.10 -1.04 -11.49
CA TYR A 184 -12.79 -1.30 -10.10
C TYR A 184 -13.30 -0.14 -9.27
N GLN A 185 -13.58 -0.40 -8.00
CA GLN A 185 -14.06 0.65 -7.12
C GLN A 185 -12.90 1.57 -6.74
N VAL A 186 -13.19 2.87 -6.61
CA VAL A 186 -12.15 3.87 -6.38
C VAL A 186 -12.01 4.26 -4.93
N ARG A 187 -12.79 3.66 -4.03
CA ARG A 187 -12.64 3.91 -2.60
C ARG A 187 -11.59 2.94 -2.06
N VAL A 188 -10.39 3.06 -2.62
CA VAL A 188 -9.25 2.25 -2.21
C VAL A 188 -8.12 3.17 -1.80
N ALA A 189 -6.99 2.57 -1.44
CA ALA A 189 -5.82 3.31 -1.02
C ALA A 189 -6.19 4.13 0.20
N THR A 190 -5.30 4.98 0.64
CA THR A 190 -5.50 5.79 1.83
C THR A 190 -5.40 7.27 1.43
N LYS A 191 -6.16 8.11 2.12
CA LYS A 191 -6.09 9.55 1.89
C LYS A 191 -4.65 10.04 1.81
N TYR A 192 -4.37 10.85 0.80
CA TYR A 192 -3.08 11.45 0.51
C TYR A 192 -2.17 10.47 -0.23
N TYR A 193 -2.56 9.19 -0.35
CA TYR A 193 -1.88 8.23 -1.22
C TYR A 193 -2.71 7.94 -2.45
N LYS A 194 -3.89 8.51 -2.56
CA LYS A 194 -4.73 8.21 -3.70
C LYS A 194 -4.11 8.83 -4.94
N GLY A 195 -4.02 8.05 -6.01
CA GLY A 195 -3.63 8.58 -7.29
C GLY A 195 -4.71 9.42 -7.97
N PRO A 196 -4.30 10.21 -8.96
CA PRO A 196 -5.27 10.97 -9.76
C PRO A 196 -6.41 10.14 -10.34
N GLU A 197 -6.10 8.90 -10.73
CA GLU A 197 -7.14 8.03 -11.26
C GLU A 197 -8.23 7.80 -10.23
N LEU A 198 -7.89 7.76 -8.94
CA LEU A 198 -8.93 7.56 -7.93
C LEU A 198 -9.65 8.87 -7.61
N LEU A 199 -8.91 9.96 -7.46
CA LEU A 199 -9.55 11.25 -7.15
C LEU A 199 -10.45 11.74 -8.28
N LEU A 200 -10.14 11.38 -9.52
CA LEU A 200 -10.99 11.73 -10.65
C LEU A 200 -11.93 10.61 -11.07
N SER A 201 -12.03 9.54 -10.28
CA SER A 201 -12.99 8.46 -10.48
C SER A 201 -12.85 7.81 -11.85
N TYR A 202 -11.61 7.54 -12.26
CA TYR A 202 -11.36 6.69 -13.43
C TYR A 202 -11.47 5.22 -13.00
N LEU A 203 -12.53 4.53 -13.42
CA LEU A 203 -12.82 3.20 -12.87
C LEU A 203 -11.88 2.12 -13.37
N LYS A 204 -11.35 2.29 -14.58
CA LYS A 204 -10.50 1.29 -15.21
C LYS A 204 -9.03 1.50 -14.86
N TYR A 205 -8.72 1.71 -13.58
CA TYR A 205 -7.32 1.89 -13.21
C TYR A 205 -6.61 0.54 -13.20
N THR A 206 -5.31 0.59 -12.96
CA THR A 206 -4.46 -0.54 -13.22
C THR A 206 -3.43 -0.66 -12.09
N PRO A 207 -2.62 -1.70 -12.08
CA PRO A 207 -1.60 -1.82 -11.02
C PRO A 207 -0.62 -0.66 -10.97
N SER A 208 -0.58 0.21 -11.99
CA SER A 208 0.24 1.42 -11.89
C SER A 208 -0.17 2.30 -10.70
N LEU A 209 -1.35 2.09 -10.13
CA LEU A 209 -1.71 2.81 -8.91
C LEU A 209 -0.70 2.55 -7.79
N ASP A 210 -0.24 1.31 -7.67
CA ASP A 210 0.75 0.99 -6.65
C ASP A 210 2.06 1.78 -6.83
N ILE A 211 2.39 2.13 -8.07
CA ILE A 211 3.60 2.90 -8.31
C ILE A 211 3.41 4.33 -7.84
N TRP A 212 2.25 4.92 -8.11
CA TRP A 212 1.96 6.24 -7.57
C TRP A 212 2.09 6.24 -6.06
N CYS A 213 1.39 5.31 -5.38
CA CYS A 213 1.44 5.26 -3.92
C CYS A 213 2.85 5.06 -3.40
N LEU A 214 3.64 4.22 -4.06
CA LEU A 214 5.00 4.11 -3.62
C LEU A 214 5.76 5.40 -3.86
N GLY A 215 5.46 6.12 -4.97
CA GLY A 215 6.09 7.40 -5.21
C GLY A 215 5.81 8.41 -4.12
N CYS A 216 4.55 8.44 -3.64
CA CYS A 216 4.18 9.31 -2.53
C CYS A 216 4.97 8.95 -1.29
N THR A 217 5.21 7.65 -1.07
CA THR A 217 6.04 7.24 0.05
C THR A 217 7.46 7.75 -0.14
N LEU A 218 8.01 7.58 -1.34
CA LEU A 218 9.38 8.03 -1.57
C LEU A 218 9.49 9.52 -1.35
N ALA A 219 8.47 10.28 -1.75
CA ALA A 219 8.52 11.74 -1.57
C ALA A 219 8.54 12.10 -0.09
N GLY A 220 7.78 11.38 0.74
CA GLY A 220 7.80 11.68 2.17
C GLY A 220 9.15 11.39 2.79
N LEU A 221 9.81 10.32 2.35
CA LEU A 221 11.12 9.98 2.91
C LEU A 221 12.20 10.97 2.47
N LEU A 222 12.19 11.34 1.19
CA LEU A 222 13.16 12.31 0.71
C LEU A 222 13.01 13.66 1.40
N PHE A 223 11.78 14.13 1.59
CA PHE A 223 11.53 15.49 2.05
C PHE A 223 11.12 15.56 3.50
N HIS A 224 11.20 14.45 4.24
CA HIS A 224 10.90 14.44 5.66
C HIS A 224 9.49 14.95 5.94
N LYS A 225 8.50 14.40 5.24
CA LYS A 225 7.12 14.84 5.42
C LYS A 225 6.23 13.66 5.04
N LEU A 226 5.62 13.03 6.04
CA LEU A 226 4.75 11.88 5.81
C LEU A 226 3.41 12.13 6.52
N PRO A 227 2.29 12.16 5.81
CA PRO A 227 2.12 12.05 4.35
C PRO A 227 2.69 13.26 3.68
N PHE A 228 3.06 13.09 2.41
CA PHE A 228 3.64 14.20 1.69
C PHE A 228 2.57 15.15 1.16
N PHE A 229 1.61 14.63 0.42
CA PHE A 229 0.52 15.46 -0.10
C PHE A 229 -0.49 15.77 0.99
N LYS A 230 -1.14 16.92 0.84
CA LYS A 230 -2.19 17.39 1.75
C LYS A 230 -3.46 17.66 0.94
N GLY A 231 -4.48 18.14 1.63
CA GLY A 231 -5.75 18.51 0.99
C GLY A 231 -6.94 17.99 1.76
N ARG A 232 -7.87 18.88 2.14
CA ARG A 232 -8.99 18.47 2.99
C ARG A 232 -9.98 17.59 2.21
N ASP A 233 -10.30 17.97 0.99
CA ASP A 233 -11.22 17.23 0.13
C ASP A 233 -10.51 16.87 -1.18
N SER A 234 -11.23 16.18 -2.06
CA SER A 234 -10.59 15.66 -3.26
C SER A 234 -10.23 16.78 -4.24
N ASN A 235 -11.02 17.85 -4.34
CA ASN A 235 -10.65 18.92 -5.28
C ASN A 235 -9.39 19.63 -4.80
N GLU A 236 -9.25 19.81 -3.50
CA GLU A 236 -8.04 20.41 -2.93
C GLU A 236 -6.86 19.45 -2.98
N GLN A 237 -7.09 18.14 -2.87
CA GLN A 237 -6.02 17.18 -3.04
C GLN A 237 -5.44 17.25 -4.45
N ILE A 238 -6.31 17.26 -5.45
CA ILE A 238 -5.88 17.44 -6.84
C ILE A 238 -5.10 18.74 -7.00
N GLU A 239 -5.66 19.82 -6.47
CA GLU A 239 -4.98 21.12 -6.52
C GLU A 239 -3.60 21.05 -5.85
N ARG A 240 -3.52 20.47 -4.64
CA ARG A 240 -2.23 20.39 -3.97
C ARG A 240 -1.23 19.53 -4.75
N MET A 241 -1.71 18.48 -5.42
CA MET A 241 -0.83 17.72 -6.30
C MET A 241 -0.22 18.62 -7.36
N CYS A 242 -1.07 19.47 -7.96
CA CYS A 242 -0.66 20.24 -9.12
C CYS A 242 0.22 21.42 -8.77
N VAL A 243 0.23 21.88 -7.50
CA VAL A 243 1.20 22.89 -7.11
C VAL A 243 2.59 22.43 -7.49
N TYR A 244 2.86 21.13 -7.32
CA TYR A 244 4.15 20.58 -7.63
C TYR A 244 4.25 20.17 -9.09
N LEU A 245 3.28 19.43 -9.56
CA LEU A 245 3.39 18.78 -10.85
C LEU A 245 2.81 19.61 -12.01
N GLY A 246 2.09 20.69 -11.72
CA GLY A 246 1.52 21.52 -12.75
C GLY A 246 0.07 21.24 -13.07
N GLY A 247 -0.72 22.31 -13.27
CA GLY A 247 -2.11 22.15 -13.63
C GLY A 247 -2.31 21.49 -14.99
N GLN A 248 -1.44 21.82 -15.95
CA GLN A 248 -1.67 21.42 -17.33
C GLN A 248 -1.60 19.91 -17.49
N ALA A 249 -0.69 19.25 -16.76
CA ALA A 249 -0.64 17.80 -16.84
C ALA A 249 -1.96 17.18 -16.37
N MET A 250 -2.55 17.73 -15.31
CA MET A 250 -3.84 17.24 -14.81
C MET A 250 -4.96 17.54 -15.80
N LEU A 251 -5.02 18.76 -16.34
CA LEU A 251 -5.99 19.07 -17.40
C LEU A 251 -5.83 18.14 -18.59
N ASP A 252 -4.61 17.92 -19.04
CA ASP A 252 -4.38 17.00 -20.15
C ASP A 252 -4.85 15.59 -19.80
N TYR A 253 -4.58 15.15 -18.57
CA TYR A 253 -4.97 13.81 -18.14
C TYR A 253 -6.48 13.66 -18.18
N ALA A 254 -7.20 14.63 -17.60
CA ALA A 254 -8.65 14.55 -17.54
C ALA A 254 -9.24 14.50 -18.94
N GLU A 255 -8.71 15.33 -19.85
CA GLU A 255 -9.17 15.33 -21.23
C GLU A 255 -8.96 13.97 -21.87
N LYS A 256 -7.75 13.41 -21.69
CA LYS A 256 -7.38 12.24 -22.46
C LYS A 256 -8.25 11.04 -22.11
N TYR A 257 -8.56 10.85 -20.82
CA TYR A 257 -9.39 9.75 -20.38
C TYR A 257 -10.84 10.16 -20.10
N ASP A 258 -11.23 11.39 -20.46
CA ASP A 258 -12.63 11.84 -20.36
C ASP A 258 -13.14 11.76 -18.92
N LEU A 259 -12.39 12.37 -18.03
CA LEU A 259 -12.73 12.50 -16.62
C LEU A 259 -13.24 13.91 -16.37
N LYS A 260 -14.20 14.03 -15.47
CA LYS A 260 -14.87 15.32 -15.26
C LYS A 260 -14.18 16.11 -14.17
N LEU A 261 -13.91 17.38 -14.45
CA LEU A 261 -13.46 18.33 -13.44
C LEU A 261 -14.47 19.48 -13.44
N SER A 262 -14.83 19.93 -12.24
CA SER A 262 -15.73 21.07 -12.12
C SER A 262 -15.13 22.28 -12.82
N SER A 263 -16.00 23.11 -13.40
CA SER A 263 -15.53 24.29 -14.12
C SER A 263 -14.64 25.16 -13.23
N SER A 264 -14.97 25.26 -11.94
CA SER A 264 -14.16 26.03 -11.01
C SER A 264 -12.79 25.39 -10.82
N LEU A 265 -12.72 24.06 -10.82
CA LEU A 265 -11.42 23.43 -10.58
C LEU A 265 -10.52 23.57 -11.81
N LYS A 266 -11.09 23.48 -13.01
CA LYS A 266 -10.28 23.66 -14.22
C LYS A 266 -9.63 25.04 -14.25
N ALA A 267 -10.36 26.07 -13.90
CA ALA A 267 -9.77 27.41 -13.92
C ALA A 267 -8.64 27.51 -12.90
N ARG A 268 -8.87 26.99 -11.69
CA ARG A 268 -7.81 26.96 -10.69
C ARG A 268 -6.55 26.27 -11.22
N LEU A 269 -6.69 25.11 -11.87
CA LEU A 269 -5.51 24.34 -12.30
C LEU A 269 -4.71 25.07 -13.37
N SER A 270 -5.36 25.90 -14.19
CA SER A 270 -4.58 26.64 -15.19
C SER A 270 -3.68 27.70 -14.58
N GLU A 271 -3.83 27.99 -13.29
CA GLU A 271 -2.99 28.96 -12.61
C GLU A 271 -1.67 28.37 -12.09
N LEU A 272 -1.51 27.06 -12.18
CA LEU A 272 -0.44 26.33 -11.49
C LEU A 272 0.54 25.78 -12.51
N LYS A 273 1.71 26.40 -12.60
CA LYS A 273 2.71 25.96 -13.56
C LYS A 273 3.50 24.76 -13.07
N GLY A 274 3.69 24.63 -11.77
CA GLY A 274 4.31 23.46 -11.22
C GLY A 274 5.68 23.80 -10.69
N THR A 275 5.84 23.71 -9.38
CA THR A 275 7.11 24.01 -8.70
C THR A 275 8.07 22.82 -8.71
N MET A 276 7.58 21.61 -9.01
CA MET A 276 8.35 20.37 -8.86
C MET A 276 8.88 20.34 -7.43
N TRP A 277 10.17 20.13 -7.20
CA TRP A 277 10.69 19.95 -5.85
C TRP A 277 11.40 21.18 -5.30
N ALA A 278 11.26 22.34 -5.97
CA ALA A 278 11.84 23.57 -5.45
C ALA A 278 11.30 23.88 -4.05
N GLY A 279 12.19 24.38 -3.18
CA GLY A 279 11.79 24.77 -1.84
C GLY A 279 11.76 23.65 -0.84
N LEU A 280 11.92 22.41 -1.29
CA LEU A 280 11.80 21.25 -0.40
C LEU A 280 13.14 20.73 0.08
N ILE A 281 14.25 21.09 -0.56
CA ILE A 281 15.54 20.61 -0.14
C ILE A 281 16.14 21.62 0.82
N ASN A 282 16.61 21.13 1.97
CA ASN A 282 17.29 21.97 2.92
C ASN A 282 18.50 21.18 3.43
N GLU A 283 19.16 21.71 4.45
CA GLU A 283 20.40 21.11 4.90
C GLU A 283 20.17 19.73 5.51
N SER A 284 18.98 19.48 6.05
CA SER A 284 18.72 18.20 6.73
C SER A 284 18.45 17.05 5.74
N ASN A 285 17.86 17.32 4.58
CA ASN A 285 17.60 16.27 3.61
C ASN A 285 18.43 16.41 2.33
N ARG A 286 19.38 17.35 2.28
CA ARG A 286 20.10 17.57 1.02
C ARG A 286 20.94 16.36 0.64
N ASP A 287 21.41 15.60 1.64
CA ASP A 287 22.27 14.46 1.38
C ASP A 287 21.53 13.28 0.73
N ILE A 288 20.22 13.17 0.94
CA ILE A 288 19.47 12.07 0.33
C ILE A 288 18.75 12.49 -0.96
N CYS A 289 18.64 13.78 -1.25
CA CYS A 289 17.91 14.22 -2.44
C CYS A 289 18.86 14.30 -3.62
N THR A 290 19.37 13.14 -4.02
CA THR A 290 20.29 13.05 -5.13
C THR A 290 19.55 13.29 -6.45
N PRO A 291 20.26 13.70 -7.50
CA PRO A 291 19.57 13.84 -8.80
C PRO A 291 18.83 12.56 -9.19
N GLN A 292 19.48 11.39 -9.09
CA GLN A 292 18.82 10.15 -9.48
C GLN A 292 17.60 9.83 -8.60
N ALA A 293 17.65 10.14 -7.30
CA ALA A 293 16.45 9.94 -6.48
C ALA A 293 15.29 10.83 -6.95
N LEU A 294 15.58 12.09 -7.26
CA LEU A 294 14.53 13.00 -7.72
C LEU A 294 14.04 12.59 -9.10
N ASP A 295 14.93 12.10 -9.98
CA ASP A 295 14.49 11.62 -11.28
C ASP A 295 13.54 10.43 -11.13
N LEU A 296 13.93 9.44 -10.33
CA LEU A 296 13.01 8.34 -10.03
C LEU A 296 11.69 8.87 -9.49
N LEU A 297 11.74 9.81 -8.55
CA LEU A 297 10.50 10.31 -7.96
C LEU A 297 9.60 10.90 -9.02
N THR A 298 10.18 11.74 -9.90
CA THR A 298 9.39 12.39 -10.95
C THR A 298 8.72 11.37 -11.86
N LYS A 299 9.42 10.30 -12.20
CA LYS A 299 8.83 9.21 -13.00
C LYS A 299 7.69 8.53 -12.27
N MET A 300 7.87 8.20 -11.00
CA MET A 300 6.83 7.46 -10.28
C MET A 300 5.59 8.33 -10.07
N LEU A 301 5.77 9.59 -9.78
CA LEU A 301 4.65 10.53 -9.62
C LEU A 301 4.24 11.19 -10.95
N THR A 302 4.20 10.43 -12.02
CA THR A 302 3.60 10.89 -13.27
C THR A 302 2.10 10.79 -13.16
N ILE A 303 1.41 11.88 -13.47
CA ILE A 303 -0.04 11.88 -13.31
C ILE A 303 -0.69 10.82 -14.18
N ASP A 304 -0.32 10.75 -15.45
CA ASP A 304 -0.96 9.80 -16.36
C ASP A 304 -0.55 8.38 -15.97
N HIS A 305 -1.49 7.59 -15.45
CA HIS A 305 -1.18 6.26 -14.95
C HIS A 305 -0.53 5.37 -15.99
N ASN A 306 -0.81 5.57 -17.27
CA ASN A 306 -0.21 4.71 -18.29
C ASN A 306 1.23 5.08 -18.62
N LEU A 307 1.73 6.23 -18.15
CA LEU A 307 3.08 6.65 -18.47
C LEU A 307 4.00 6.50 -17.28
N ARG A 308 3.51 6.02 -16.16
CA ARG A 308 4.38 5.72 -15.05
C ARG A 308 5.20 4.48 -15.40
N PRO A 309 6.40 4.36 -14.86
CA PRO A 309 7.15 3.13 -15.03
C PRO A 309 6.38 1.96 -14.43
N THR A 310 6.57 0.79 -15.02
CA THR A 310 6.19 -0.45 -14.35
C THR A 310 7.16 -0.73 -13.19
N ALA A 311 6.78 -1.64 -12.28
CA ALA A 311 7.68 -1.99 -11.18
C ALA A 311 9.04 -2.44 -11.70
N GLU A 312 9.05 -3.26 -12.75
CA GLU A 312 10.31 -3.73 -13.32
C GLU A 312 11.10 -2.58 -13.93
N GLN A 313 10.42 -1.65 -14.62
CA GLN A 313 11.12 -0.50 -15.18
C GLN A 313 11.73 0.35 -14.09
N ALA A 314 10.98 0.58 -13.00
CA ALA A 314 11.51 1.36 -11.89
C ALA A 314 12.72 0.68 -11.26
N MET A 315 12.74 -0.64 -11.23
CA MET A 315 13.87 -1.33 -10.62
C MET A 315 15.14 -1.17 -11.45
N LYS A 316 14.99 -0.86 -12.73
CA LYS A 316 16.12 -0.66 -13.62
C LYS A 316 16.70 0.75 -13.54
N HIS A 317 16.11 1.61 -12.73
CA HIS A 317 16.47 3.01 -12.68
C HIS A 317 17.89 3.18 -12.12
N PRO A 318 18.67 4.15 -12.63
CA PRO A 318 20.04 4.33 -12.14
C PRO A 318 20.14 4.50 -10.63
N PHE A 319 19.09 4.99 -9.96
CA PHE A 319 19.10 5.13 -8.50
C PHE A 319 19.34 3.82 -7.77
N PHE A 320 19.07 2.67 -8.40
CA PHE A 320 19.30 1.39 -7.76
C PHE A 320 20.55 0.67 -8.28
N ASP A 321 21.39 1.35 -9.08
CA ASP A 321 22.55 0.69 -9.66
C ASP A 321 23.54 0.19 -8.61
N GLU A 322 23.59 0.81 -7.44
CA GLU A 322 24.57 0.39 -6.44
C GLU A 322 24.15 -0.91 -5.76
N ILE A 323 22.89 -0.98 -5.28
CA ILE A 323 22.46 -2.13 -4.50
C ILE A 323 22.07 -3.32 -5.35
N ARG A 324 21.92 -3.16 -6.66
CA ARG A 324 21.71 -4.33 -7.51
C ARG A 324 22.95 -5.20 -7.53
#